data_7LYG
#
_entry.id   7LYG
#
_cell.length_a   157.073
_cell.length_b   156.588
_cell.length_c   72.325
_cell.angle_alpha   90.000
_cell.angle_beta   90.000
_cell.angle_gamma   90.000
#
_symmetry.space_group_name_H-M   'C 2 2 2'
#
_entity_poly.entity_id   1
_entity_poly.type   'polyribonucleotide'
_entity_poly.pdbx_seq_one_letter_code
;GCCCGGAUAGCUCAGUCGGUAGAGCAGCGGUAGCUGUUGAUCUGUGUGAAUCAGACUGCGACAGUUCGAGUUUGAAGCGA
AAGCUAGCAACAGUAUCAACAGCUACCGCGGGUCCAGGGUUCAAGUCCCUGUUCGGGCGCCA
;
_entity_poly.pdbx_strand_id   A
#